data_7A13
#
_entry.id   7A13
#
_cell.length_a   89.195
_cell.length_b   100.770
_cell.length_c   99.396
_cell.angle_alpha   90.000
_cell.angle_beta   90.000
_cell.angle_gamma   90.000
#
_symmetry.space_group_name_H-M   'C 2 2 21'
#
loop_
_entity.id
_entity.type
_entity.pdbx_description
1 polymer 'Methionine aminopeptidase 2'
2 non-polymer 'PHOSPHATE ION'
3 non-polymer 5-chloranyl-3-(3-methoxyphenyl)-1~{H}-indole-2-carboxamide
4 non-polymer 'MANGANESE (II) ION'
5 water water
#
_entity_poly.entity_id   1
_entity_poly.type   'polypeptide(L)'
_entity_poly.pdbx_seq_one_letter_code
;GPKVQTDPPSVPICDLYPNGVFPKGQECEYPPTQDGRTAAWRTTSEEKKALDQASEEIWNDFREAAEAHRQVRKYVMSWI
KPGMTMIEICEKLEDCSRKLIKENGLNAGLAFPTGCSLNNCAAHYTPNAGDTTVLQYDDICKIDFGTHISGRIIDCAFTV
TFNPKYDTLLKAVKDATNTGIKCAGIDVRLCDVGEAIQEVMESYEVEIDGKTYQVKPIRNLNGHSIGQYRIHAGKTVPIV
KGGEATRMEEGEVYAIETFGSTGKGVVHDDMECSHYMKNFDVGHVPIRLPRTKHLLNVINENFGTLAFCRRWLDRLGESK
YLMALKNLCDLGIVDPYPPLCDIKGSYTAQFEHTILLRPTCKEVVSRGDDY
;
_entity_poly.pdbx_strand_id   A
#
# COMPACT_ATOMS: atom_id res chain seq x y z
N LYS A 3 14.50 14.36 -22.41
CA LYS A 3 13.16 13.81 -22.36
C LYS A 3 12.43 14.27 -21.08
N VAL A 4 11.26 14.92 -21.26
CA VAL A 4 10.43 15.46 -20.16
C VAL A 4 9.05 14.81 -20.12
N GLN A 5 8.41 14.83 -18.94
CA GLN A 5 7.08 14.25 -18.75
C GLN A 5 5.98 15.09 -19.39
N THR A 6 4.99 14.40 -20.00
CA THR A 6 3.82 14.98 -20.67
C THR A 6 2.65 15.14 -19.67
N ASP A 7 1.58 15.84 -20.08
CA ASP A 7 0.35 15.99 -19.31
C ASP A 7 -0.82 15.64 -20.24
N PRO A 8 -1.51 14.48 -20.08
CA PRO A 8 -1.36 13.43 -19.03
C PRO A 8 -0.02 12.68 -19.06
N PRO A 9 0.50 12.16 -17.90
CA PRO A 9 1.77 11.42 -17.92
C PRO A 9 1.70 10.17 -18.79
N SER A 10 2.71 9.97 -19.66
CA SER A 10 2.80 8.83 -20.60
C SER A 10 4.25 8.38 -20.79
N VAL A 11 5.21 9.20 -20.37
CA VAL A 11 6.63 8.86 -20.53
C VAL A 11 7.11 7.95 -19.37
N PRO A 12 7.60 6.72 -19.66
CA PRO A 12 8.08 5.84 -18.58
C PRO A 12 9.14 6.48 -17.69
N ILE A 13 9.12 6.16 -16.38
CA ILE A 13 10.09 6.73 -15.43
C ILE A 13 11.55 6.44 -15.90
N CYS A 14 11.82 5.21 -16.40
CA CYS A 14 13.18 4.84 -16.83
C CYS A 14 13.67 5.63 -18.07
N ASP A 15 12.75 6.29 -18.82
CA ASP A 15 13.07 7.15 -19.97
C ASP A 15 13.45 8.55 -19.50
N LEU A 16 12.87 8.99 -18.36
CA LEU A 16 13.13 10.31 -17.77
C LEU A 16 14.49 10.32 -17.05
N TYR A 17 14.96 9.13 -16.59
CA TYR A 17 16.26 8.95 -15.92
C TYR A 17 17.05 7.85 -16.66
N PRO A 18 17.59 8.15 -17.88
CA PRO A 18 18.30 7.12 -18.67
C PRO A 18 19.49 6.39 -18.03
N ASN A 19 20.21 7.04 -17.10
CA ASN A 19 21.37 6.43 -16.43
C ASN A 19 20.97 5.46 -15.32
N GLY A 20 19.65 5.34 -15.11
CA GLY A 20 19.07 4.45 -14.12
C GLY A 20 19.29 4.90 -12.69
N VAL A 21 19.46 6.21 -12.48
CA VAL A 21 19.62 6.77 -11.13
C VAL A 21 18.35 7.59 -10.88
N PHE A 22 17.53 7.10 -9.95
CA PHE A 22 16.23 7.70 -9.69
C PHE A 22 16.21 8.58 -8.44
N PRO A 23 15.30 9.60 -8.37
CA PRO A 23 15.27 10.49 -7.19
C PRO A 23 15.06 9.78 -5.86
N LYS A 24 15.84 10.18 -4.85
CA LYS A 24 15.68 9.61 -3.50
C LYS A 24 14.41 10.16 -2.86
N GLY A 25 13.87 9.44 -1.90
CA GLY A 25 12.73 9.88 -1.13
C GLY A 25 13.23 10.80 -0.02
N GLN A 26 12.45 10.98 1.05
CA GLN A 26 12.86 11.83 2.18
C GLN A 26 13.86 11.05 3.04
N GLU A 27 15.06 11.60 3.24
CA GLU A 27 16.08 10.96 4.09
C GLU A 27 16.04 11.52 5.50
N CYS A 28 15.92 10.63 6.48
CA CYS A 28 15.79 10.95 7.89
C CYS A 28 16.89 10.30 8.69
N GLU A 29 17.37 11.05 9.68
CA GLU A 29 18.32 10.55 10.66
C GLU A 29 17.46 9.65 11.54
N TYR A 30 18.03 8.54 12.03
CA TYR A 30 17.34 7.61 12.89
C TYR A 30 16.98 8.23 14.24
N PRO A 31 15.82 7.90 14.86
CA PRO A 31 15.46 8.54 16.13
C PRO A 31 16.33 8.09 17.31
N PRO A 32 16.49 8.93 18.37
CA PRO A 32 17.31 8.49 19.52
C PRO A 32 16.68 7.31 20.25
N THR A 33 17.51 6.44 20.80
CA THR A 33 17.08 5.25 21.54
C THR A 33 16.41 5.61 22.88
N GLN A 34 15.74 4.61 23.51
CA GLN A 34 15.05 4.75 24.79
C GLN A 34 16.00 5.17 25.94
N ASP A 35 17.31 4.95 25.76
CA ASP A 35 18.38 5.31 26.72
C ASP A 35 18.78 6.80 26.64
N GLY A 36 18.42 7.45 25.54
CA GLY A 36 18.70 8.87 25.30
C GLY A 36 19.77 9.16 24.26
N ARG A 37 20.66 8.16 23.99
CA ARG A 37 21.75 8.29 23.03
C ARG A 37 21.27 8.31 21.58
N THR A 38 21.79 9.28 20.79
CA THR A 38 21.45 9.48 19.37
C THR A 38 21.98 8.36 18.47
N ALA A 39 21.20 8.01 17.42
CA ALA A 39 21.59 7.00 16.43
C ALA A 39 22.14 7.67 15.16
N ALA A 40 22.41 8.99 15.24
CA ALA A 40 22.95 9.86 14.19
C ALA A 40 24.29 9.41 13.59
N TRP A 41 25.11 8.69 14.37
CA TRP A 41 26.44 8.17 13.97
C TRP A 41 26.43 7.37 12.65
N ARG A 42 25.30 6.71 12.35
CA ARG A 42 25.09 5.90 11.13
C ARG A 42 25.29 6.71 9.85
N THR A 43 24.86 8.00 9.85
CA THR A 43 24.97 8.92 8.71
C THR A 43 26.42 9.09 8.23
N THR A 44 27.37 9.07 9.19
CA THR A 44 28.78 9.31 8.95
C THR A 44 29.68 8.05 9.11
N SER A 45 29.11 6.91 9.56
CA SER A 45 29.85 5.65 9.73
C SER A 45 30.31 5.10 8.37
N GLU A 46 31.65 4.92 8.21
CA GLU A 46 32.26 4.46 6.97
C GLU A 46 31.81 3.04 6.59
N GLU A 47 31.67 2.18 7.60
CA GLU A 47 31.18 0.80 7.51
C GLU A 47 29.70 0.81 7.01
N LYS A 48 28.86 1.67 7.60
CA LYS A 48 27.46 1.78 7.22
C LYS A 48 27.29 2.32 5.82
N LYS A 49 28.12 3.32 5.43
CA LYS A 49 28.13 3.93 4.09
C LYS A 49 28.46 2.89 3.01
N ALA A 50 29.44 1.99 3.29
CA ALA A 50 29.86 0.92 2.37
C ALA A 50 28.73 -0.10 2.22
N LEU A 51 28.11 -0.49 3.36
CA LEU A 51 27.00 -1.44 3.39
C LEU A 51 25.78 -0.86 2.64
N ASP A 52 25.61 0.47 2.70
CA ASP A 52 24.52 1.19 2.02
C ASP A 52 24.70 1.20 0.50
N GLN A 53 25.92 1.51 0.03
CA GLN A 53 26.27 1.57 -1.38
C GLN A 53 26.25 0.21 -2.08
N ALA A 54 26.50 -0.87 -1.32
CA ALA A 54 26.47 -2.25 -1.78
C ALA A 54 25.06 -2.61 -2.28
N SER A 55 24.02 -2.04 -1.63
CA SER A 55 22.61 -2.28 -1.96
C SER A 55 21.97 -1.13 -2.74
N GLU A 56 22.80 -0.24 -3.33
CA GLU A 56 22.33 0.92 -4.12
C GLU A 56 21.34 0.53 -5.23
N GLU A 57 21.57 -0.61 -5.92
CA GLU A 57 20.73 -1.11 -7.02
C GLU A 57 19.31 -1.39 -6.50
N ILE A 58 19.21 -2.00 -5.31
CA ILE A 58 17.95 -2.31 -4.64
C ILE A 58 17.18 -1.00 -4.33
N TRP A 59 17.83 -0.04 -3.60
CA TRP A 59 17.21 1.24 -3.26
C TRP A 59 16.78 1.96 -4.50
N ASN A 60 17.61 1.85 -5.54
CA ASN A 60 17.32 2.47 -6.81
C ASN A 60 16.05 1.88 -7.50
N ASP A 61 15.80 0.56 -7.37
CA ASP A 61 14.57 -0.07 -7.91
C ASP A 61 13.33 0.46 -7.13
N PHE A 62 13.41 0.57 -5.79
CA PHE A 62 12.32 1.16 -4.98
C PHE A 62 12.04 2.60 -5.43
N ARG A 63 13.11 3.41 -5.67
CA ARG A 63 12.99 4.81 -6.09
C ARG A 63 12.31 4.97 -7.43
N GLU A 64 12.61 4.11 -8.41
CA GLU A 64 11.92 4.18 -9.71
C GLU A 64 10.42 3.91 -9.50
N ALA A 65 10.10 2.83 -8.76
CA ALA A 65 8.74 2.44 -8.44
C ALA A 65 8.01 3.57 -7.64
N ALA A 66 8.75 4.30 -6.78
CA ALA A 66 8.17 5.39 -5.97
C ALA A 66 7.91 6.64 -6.81
N GLU A 67 8.76 6.91 -7.83
CA GLU A 67 8.56 8.06 -8.73
C GLU A 67 7.34 7.81 -9.62
N ALA A 68 7.14 6.54 -10.07
CA ALA A 68 5.96 6.17 -10.85
C ALA A 68 4.74 6.39 -9.95
N HIS A 69 4.84 5.97 -8.66
CA HIS A 69 3.75 6.16 -7.69
C HIS A 69 3.37 7.64 -7.50
N ARG A 70 4.36 8.52 -7.28
CA ARG A 70 4.11 9.97 -7.12
C ARG A 70 3.41 10.57 -8.34
N GLN A 71 3.88 10.25 -9.56
CA GLN A 71 3.33 10.82 -10.79
C GLN A 71 1.95 10.28 -11.11
N VAL A 72 1.71 8.98 -10.83
CA VAL A 72 0.39 8.37 -11.01
C VAL A 72 -0.60 9.03 -10.04
N ARG A 73 -0.26 9.12 -8.72
CA ARG A 73 -1.21 9.71 -7.75
C ARG A 73 -1.49 11.20 -8.00
N LYS A 74 -0.48 12.00 -8.44
CA LYS A 74 -0.70 13.42 -8.74
C LYS A 74 -1.71 13.53 -9.91
N TYR A 75 -1.57 12.67 -10.93
CA TYR A 75 -2.49 12.58 -12.08
C TYR A 75 -3.92 12.20 -11.62
N VAL A 76 -4.07 11.15 -10.78
CA VAL A 76 -5.36 10.73 -10.23
C VAL A 76 -6.08 11.90 -9.51
N MET A 77 -5.34 12.64 -8.64
CA MET A 77 -5.89 13.76 -7.87
CA MET A 77 -5.86 13.78 -7.89
C MET A 77 -6.46 14.88 -8.77
N SER A 78 -5.87 15.08 -9.95
CA SER A 78 -6.32 16.09 -10.90
C SER A 78 -7.65 15.77 -11.61
N TRP A 79 -8.09 14.48 -11.65
CA TRP A 79 -9.34 14.14 -12.33
C TRP A 79 -10.36 13.36 -11.49
N ILE A 80 -9.96 12.79 -10.33
CA ILE A 80 -10.89 11.98 -9.54
C ILE A 80 -12.07 12.82 -9.07
N LYS A 81 -13.30 12.41 -9.43
CA LYS A 81 -14.49 13.19 -9.11
C LYS A 81 -15.69 12.32 -8.86
N PRO A 82 -16.65 12.79 -8.02
CA PRO A 82 -17.91 12.06 -7.87
C PRO A 82 -18.66 12.09 -9.20
N GLY A 83 -19.34 11.00 -9.52
CA GLY A 83 -20.00 10.81 -10.79
C GLY A 83 -19.30 9.71 -11.58
N MET A 84 -17.99 9.53 -11.38
CA MET A 84 -17.23 8.49 -12.08
C MET A 84 -17.55 7.14 -11.43
N THR A 85 -17.57 6.06 -12.22
CA THR A 85 -17.77 4.74 -11.64
C THR A 85 -16.43 4.26 -11.00
N MET A 86 -16.47 3.34 -10.03
CA MET A 86 -15.23 2.83 -9.43
C MET A 86 -14.35 2.11 -10.49
N ILE A 87 -15.00 1.40 -11.45
CA ILE A 87 -14.30 0.73 -12.57
C ILE A 87 -13.52 1.76 -13.40
N GLU A 88 -14.17 2.87 -13.83
CA GLU A 88 -13.54 3.96 -14.60
C GLU A 88 -12.29 4.52 -13.89
N ILE A 89 -12.39 4.76 -12.56
CA ILE A 89 -11.30 5.29 -11.75
C ILE A 89 -10.12 4.31 -11.75
N CYS A 90 -10.38 3.03 -11.43
CA CYS A 90 -9.34 2.00 -11.36
C CYS A 90 -8.66 1.77 -12.69
N GLU A 91 -9.44 1.69 -13.79
CA GLU A 91 -8.84 1.49 -15.12
C GLU A 91 -8.02 2.69 -15.57
N LYS A 92 -8.49 3.92 -15.31
CA LYS A 92 -7.76 5.14 -15.70
C LYS A 92 -6.45 5.24 -14.90
N LEU A 93 -6.49 4.91 -13.58
CA LEU A 93 -5.27 4.91 -12.74
C LEU A 93 -4.29 3.82 -13.22
N GLU A 94 -4.76 2.57 -13.37
CA GLU A 94 -3.91 1.42 -13.75
C GLU A 94 -3.25 1.56 -15.14
N ASP A 95 -3.98 2.16 -16.12
CA ASP A 95 -3.45 2.40 -17.46
C ASP A 95 -2.22 3.34 -17.37
N CYS A 96 -2.32 4.40 -16.56
CA CYS A 96 -1.21 5.31 -16.34
C CYS A 96 -0.06 4.62 -15.57
N SER A 97 -0.40 3.85 -14.53
CA SER A 97 0.58 3.12 -13.73
C SER A 97 1.40 2.12 -14.61
N ARG A 98 0.72 1.35 -15.48
CA ARG A 98 1.36 0.40 -16.38
C ARG A 98 2.36 1.11 -17.32
N LYS A 99 1.95 2.28 -17.86
CA LYS A 99 2.79 3.10 -18.73
C LYS A 99 4.03 3.65 -18.01
N LEU A 100 3.84 4.29 -16.83
CA LEU A 100 4.95 4.93 -16.11
C LEU A 100 5.95 3.94 -15.54
N ILE A 101 5.50 2.75 -15.13
CA ILE A 101 6.41 1.73 -14.59
C ILE A 101 7.08 0.93 -15.71
N LYS A 102 6.60 1.11 -16.98
CA LYS A 102 7.00 0.36 -18.18
C LYS A 102 6.80 -1.14 -17.89
N GLU A 103 5.53 -1.55 -17.69
CA GLU A 103 5.16 -2.92 -17.38
C GLU A 103 5.90 -3.95 -18.28
N ASN A 104 6.55 -4.95 -17.65
CA ASN A 104 7.34 -5.96 -18.35
C ASN A 104 7.28 -7.25 -17.53
N GLY A 105 6.22 -8.02 -17.74
CA GLY A 105 5.96 -9.27 -17.04
C GLY A 105 6.11 -9.15 -15.54
N LEU A 106 6.95 -10.00 -14.94
CA LEU A 106 7.21 -9.98 -13.50
C LEU A 106 8.41 -9.10 -13.12
N ASN A 107 9.06 -8.43 -14.11
CA ASN A 107 10.24 -7.58 -13.88
C ASN A 107 9.92 -6.13 -13.52
N ALA A 108 8.73 -5.64 -13.93
CA ALA A 108 8.20 -4.30 -13.64
C ALA A 108 6.69 -4.38 -13.81
N GLY A 109 5.96 -3.73 -12.91
CA GLY A 109 4.51 -3.75 -13.03
C GLY A 109 3.74 -3.27 -11.82
N LEU A 110 2.50 -3.77 -11.71
CA LEU A 110 1.58 -3.41 -10.65
C LEU A 110 1.72 -4.42 -9.55
N ALA A 111 2.10 -3.96 -8.34
CA ALA A 111 2.35 -4.86 -7.20
C ALA A 111 1.07 -5.50 -6.65
N PHE A 112 -0.05 -4.77 -6.73
CA PHE A 112 -1.33 -5.25 -6.24
C PHE A 112 -2.46 -4.41 -6.82
N PRO A 113 -3.72 -4.91 -6.73
CA PRO A 113 -4.85 -4.15 -7.29
C PRO A 113 -5.07 -2.77 -6.67
N THR A 114 -5.72 -1.89 -7.44
CA THR A 114 -6.05 -0.56 -6.95
C THR A 114 -7.16 -0.63 -5.92
N GLY A 115 -6.81 -0.44 -4.66
CA GLY A 115 -7.83 -0.36 -3.61
C GLY A 115 -8.52 0.99 -3.78
N CYS A 116 -9.85 1.01 -3.63
CA CYS A 116 -10.63 2.27 -3.68
C CYS A 116 -11.80 2.15 -2.68
N SER A 117 -11.52 1.45 -1.55
CA SER A 117 -12.48 1.18 -0.47
C SER A 117 -13.22 2.43 -0.01
N LEU A 118 -14.52 2.30 0.13
CA LEU A 118 -15.42 3.40 0.46
C LEU A 118 -16.05 3.38 1.82
N ASN A 119 -16.10 4.57 2.44
CA ASN A 119 -16.84 4.84 3.68
C ASN A 119 -16.43 3.94 4.84
N ASN A 120 -17.31 3.03 5.31
CA ASN A 120 -17.00 2.10 6.42
C ASN A 120 -16.00 1.04 5.98
N CYS A 121 -15.83 0.86 4.64
CA CYS A 121 -14.86 -0.13 4.15
C CYS A 121 -13.50 0.51 4.06
N ALA A 122 -12.54 -0.08 4.76
CA ALA A 122 -11.22 0.49 4.93
C ALA A 122 -10.17 0.06 3.92
N ALA A 123 -10.28 -1.20 3.44
CA ALA A 123 -9.25 -1.81 2.60
C ALA A 123 -9.78 -3.01 1.81
N HIS A 124 -9.05 -3.34 0.72
CA HIS A 124 -9.25 -4.55 -0.09
C HIS A 124 -10.57 -4.59 -0.85
N TYR A 125 -11.07 -3.42 -1.23
CA TYR A 125 -12.20 -3.35 -2.18
C TYR A 125 -11.62 -2.75 -3.48
N THR A 126 -11.82 -3.47 -4.57
CA THR A 126 -11.64 -3.00 -5.95
C THR A 126 -12.87 -3.57 -6.70
N PRO A 127 -13.49 -2.84 -7.65
CA PRO A 127 -14.65 -3.42 -8.34
C PRO A 127 -14.32 -4.66 -9.17
N ASN A 128 -15.24 -5.64 -9.18
CA ASN A 128 -15.21 -6.80 -10.08
C ASN A 128 -16.04 -6.36 -11.31
N ALA A 129 -15.98 -7.11 -12.42
CA ALA A 129 -16.75 -6.81 -13.64
C ALA A 129 -18.26 -6.70 -13.28
N GLY A 130 -18.95 -5.74 -13.89
CA GLY A 130 -20.37 -5.54 -13.64
C GLY A 130 -20.69 -4.65 -12.45
N ASP A 131 -19.65 -4.18 -11.72
CA ASP A 131 -19.88 -3.34 -10.55
C ASP A 131 -20.26 -1.94 -11.05
N THR A 132 -21.49 -1.51 -10.73
CA THR A 132 -22.03 -0.21 -11.19
C THR A 132 -21.82 0.89 -10.14
N THR A 133 -21.09 0.59 -9.03
CA THR A 133 -20.82 1.57 -7.97
C THR A 133 -20.23 2.85 -8.55
N VAL A 134 -20.81 3.98 -8.16
CA VAL A 134 -20.40 5.31 -8.59
C VAL A 134 -19.88 6.06 -7.37
N LEU A 135 -18.75 6.78 -7.53
CA LEU A 135 -18.19 7.62 -6.46
C LEU A 135 -19.16 8.81 -6.20
N GLN A 136 -19.54 8.99 -4.93
CA GLN A 136 -20.46 10.02 -4.49
C GLN A 136 -19.73 11.17 -3.83
N TYR A 137 -20.37 12.36 -3.83
CA TYR A 137 -19.83 13.58 -3.21
C TYR A 137 -19.48 13.38 -1.74
N ASP A 138 -20.29 12.63 -0.99
CA ASP A 138 -20.05 12.39 0.43
C ASP A 138 -19.15 11.18 0.71
N ASP A 139 -18.64 10.51 -0.35
CA ASP A 139 -17.80 9.32 -0.11
C ASP A 139 -16.43 9.67 0.45
N ILE A 140 -15.87 8.77 1.27
CA ILE A 140 -14.51 8.82 1.77
C ILE A 140 -13.80 7.58 1.18
N CYS A 141 -13.01 7.81 0.14
CA CYS A 141 -12.37 6.82 -0.72
C CYS A 141 -10.88 6.62 -0.44
N LYS A 142 -10.47 5.37 -0.13
CA LYS A 142 -9.05 5.11 0.14
C LYS A 142 -8.39 4.57 -1.14
N ILE A 143 -7.53 5.38 -1.76
CA ILE A 143 -6.80 4.99 -2.98
C ILE A 143 -5.49 4.35 -2.50
N ASP A 144 -5.38 3.04 -2.66
CA ASP A 144 -4.21 2.29 -2.20
C ASP A 144 -3.74 1.47 -3.37
N PHE A 145 -2.64 1.87 -4.01
CA PHE A 145 -2.17 1.14 -5.18
C PHE A 145 -0.69 0.91 -5.08
N GLY A 146 -0.22 -0.12 -5.77
CA GLY A 146 1.18 -0.48 -5.72
C GLY A 146 1.90 -0.64 -7.03
N THR A 147 3.18 -0.29 -7.02
CA THR A 147 4.06 -0.44 -8.19
C THR A 147 5.27 -1.24 -7.74
N HIS A 148 6.00 -1.85 -8.68
CA HIS A 148 7.22 -2.59 -8.35
C HIS A 148 8.20 -2.62 -9.53
N ILE A 149 9.49 -2.70 -9.20
CA ILE A 149 10.61 -2.91 -10.13
C ILE A 149 11.34 -4.06 -9.52
N SER A 150 11.44 -5.20 -10.26
CA SER A 150 12.12 -6.44 -9.83
C SER A 150 11.65 -6.92 -8.47
N GLY A 151 10.35 -6.74 -8.20
CA GLY A 151 9.76 -7.17 -6.94
C GLY A 151 10.05 -6.29 -5.74
N ARG A 152 10.63 -5.09 -5.97
CA ARG A 152 10.89 -4.10 -4.92
C ARG A 152 9.60 -3.26 -4.94
N ILE A 153 8.74 -3.52 -3.95
CA ILE A 153 7.38 -2.98 -3.90
C ILE A 153 7.22 -1.62 -3.19
N ILE A 154 6.47 -0.71 -3.83
CA ILE A 154 5.99 0.52 -3.24
C ILE A 154 4.50 0.32 -2.83
N ASP A 155 4.24 0.33 -1.51
CA ASP A 155 2.90 0.21 -0.94
C ASP A 155 2.62 1.57 -0.35
N CYS A 156 1.75 2.36 -1.00
CA CYS A 156 1.56 3.75 -0.62
C CYS A 156 0.11 4.15 -0.92
N ALA A 157 -0.51 4.86 0.03
CA ALA A 157 -1.94 5.15 -0.03
C ALA A 157 -2.34 6.46 0.59
N PHE A 158 -3.45 7.03 0.07
CA PHE A 158 -4.02 8.28 0.56
C PHE A 158 -5.56 8.20 0.51
N THR A 159 -6.24 9.14 1.19
CA THR A 159 -7.70 9.18 1.23
C THR A 159 -8.20 10.37 0.42
N VAL A 160 -9.23 10.13 -0.40
CA VAL A 160 -9.88 11.08 -1.28
C VAL A 160 -11.24 11.44 -0.69
N THR A 161 -11.54 12.75 -0.56
CA THR A 161 -12.83 13.30 -0.13
C THR A 161 -13.13 14.55 -0.98
N PHE A 162 -14.42 14.94 -1.04
CA PHE A 162 -14.90 16.14 -1.77
C PHE A 162 -15.65 17.05 -0.81
N ASN A 163 -16.14 16.47 0.31
CA ASN A 163 -16.87 17.19 1.35
C ASN A 163 -15.90 17.53 2.49
N PRO A 164 -15.72 18.84 2.83
CA PRO A 164 -14.81 19.20 3.93
C PRO A 164 -15.18 18.66 5.33
N LYS A 165 -16.36 18.05 5.53
CA LYS A 165 -16.73 17.51 6.85
C LYS A 165 -15.75 16.45 7.39
N TYR A 166 -15.00 15.77 6.50
CA TYR A 166 -14.03 14.74 6.90
C TYR A 166 -12.62 15.32 7.14
N ASP A 167 -12.40 16.65 6.94
CA ASP A 167 -11.04 17.22 7.05
C ASP A 167 -10.26 16.85 8.33
N THR A 168 -10.87 16.96 9.50
CA THR A 168 -10.13 16.65 10.73
CA THR A 168 -10.19 16.65 10.78
C THR A 168 -9.88 15.16 10.89
N LEU A 169 -10.77 14.30 10.34
CA LEU A 169 -10.55 12.85 10.36
C LEU A 169 -9.28 12.52 9.54
N LEU A 170 -9.16 13.13 8.34
CA LEU A 170 -8.01 12.97 7.42
C LEU A 170 -6.72 13.47 8.08
N LYS A 171 -6.77 14.64 8.74
CA LYS A 171 -5.64 15.24 9.46
C LYS A 171 -5.15 14.33 10.59
N ALA A 172 -6.08 13.65 11.30
CA ALA A 172 -5.74 12.75 12.42
C ALA A 172 -4.96 11.54 11.95
N VAL A 173 -5.42 10.93 10.85
CA VAL A 173 -4.83 9.73 10.27
C VAL A 173 -3.50 10.07 9.66
N LYS A 174 -3.41 11.23 8.95
CA LYS A 174 -2.15 11.69 8.34
C LYS A 174 -1.10 11.93 9.44
N ASP A 175 -1.51 12.59 10.53
CA ASP A 175 -0.64 12.88 11.68
C ASP A 175 -0.17 11.56 12.33
N ALA A 176 -1.09 10.61 12.54
CA ALA A 176 -0.76 9.29 13.10
C ALA A 176 0.25 8.50 12.21
N THR A 177 0.08 8.57 10.87
CA THR A 177 0.99 7.88 9.95
C THR A 177 2.36 8.52 10.00
N ASN A 178 2.41 9.86 9.94
CA ASN A 178 3.66 10.61 10.03
C ASN A 178 4.39 10.37 11.35
N THR A 179 3.62 10.16 12.46
CA THR A 179 4.14 9.83 13.79
C THR A 179 4.81 8.45 13.77
N GLY A 180 4.12 7.47 13.18
CA GLY A 180 4.61 6.11 13.01
C GLY A 180 5.92 6.07 12.26
N ILE A 181 5.98 6.84 11.16
CA ILE A 181 7.17 7.03 10.31
C ILE A 181 8.34 7.63 11.14
N LYS A 182 8.08 8.68 11.94
CA LYS A 182 9.13 9.32 12.76
C LYS A 182 9.72 8.36 13.84
N CYS A 183 8.85 7.55 14.48
CA CYS A 183 9.24 6.63 15.52
CA CYS A 183 9.19 6.59 15.53
C CYS A 183 9.98 5.39 15.00
N ALA A 184 9.73 5.00 13.72
CA ALA A 184 10.38 3.84 13.11
C ALA A 184 11.89 4.03 13.04
N GLY A 185 12.62 2.95 13.25
CA GLY A 185 14.08 2.95 13.19
C GLY A 185 14.67 1.60 13.46
N ILE A 186 15.97 1.43 13.16
CA ILE A 186 16.69 0.18 13.43
C ILE A 186 16.71 -0.03 14.95
N ASP A 187 16.35 -1.25 15.39
CA ASP A 187 16.28 -1.72 16.78
C ASP A 187 15.09 -1.16 17.57
N VAL A 188 14.17 -0.41 16.92
CA VAL A 188 12.97 0.10 17.58
C VAL A 188 11.97 -1.04 17.67
N ARG A 189 11.35 -1.23 18.85
CA ARG A 189 10.34 -2.29 19.02
C ARG A 189 9.08 -1.93 18.23
N LEU A 190 8.52 -2.91 17.50
CA LEU A 190 7.30 -2.73 16.69
C LEU A 190 6.13 -2.18 17.50
N CYS A 191 5.97 -2.66 18.76
CA CYS A 191 4.90 -2.21 19.65
CA CYS A 191 4.91 -2.21 19.67
C CYS A 191 5.06 -0.74 20.07
N ASP A 192 6.30 -0.21 20.08
CA ASP A 192 6.54 1.21 20.43
C ASP A 192 6.06 2.14 19.30
N VAL A 193 6.14 1.66 18.04
CA VAL A 193 5.65 2.40 16.86
C VAL A 193 4.12 2.46 16.94
N GLY A 194 3.50 1.32 17.26
CA GLY A 194 2.06 1.20 17.43
C GLY A 194 1.49 2.05 18.54
N GLU A 195 2.20 2.12 19.68
CA GLU A 195 1.81 2.92 20.83
C GLU A 195 1.83 4.42 20.48
N ALA A 196 2.86 4.86 19.73
CA ALA A 196 2.99 6.25 19.31
C ALA A 196 1.87 6.64 18.32
N ILE A 197 1.54 5.72 17.38
CA ILE A 197 0.48 5.89 16.38
C ILE A 197 -0.87 6.10 17.12
N GLN A 198 -1.18 5.19 18.05
CA GLN A 198 -2.42 5.18 18.82
C GLN A 198 -2.61 6.46 19.62
N GLU A 199 -1.57 6.92 20.35
CA GLU A 199 -1.60 8.13 21.16
C GLU A 199 -1.96 9.36 20.31
N VAL A 200 -1.34 9.52 19.13
CA VAL A 200 -1.62 10.67 18.27
C VAL A 200 -3.04 10.59 17.69
N MET A 201 -3.44 9.40 17.19
CA MET A 201 -4.74 9.16 16.57
C MET A 201 -5.91 9.56 17.49
N GLU A 202 -5.88 9.05 18.74
CA GLU A 202 -6.92 9.25 19.76
C GLU A 202 -6.92 10.65 20.40
N SER A 203 -5.96 11.52 20.05
CA SER A 203 -5.91 12.89 20.58
C SER A 203 -6.86 13.76 19.79
N TYR A 204 -7.41 13.22 18.67
CA TYR A 204 -8.32 13.95 17.82
C TYR A 204 -9.78 13.59 18.07
N GLU A 205 -10.62 14.61 18.08
CA GLU A 205 -12.07 14.46 18.12
C GLU A 205 -12.61 15.15 16.86
N VAL A 206 -13.60 14.53 16.18
CA VAL A 206 -14.16 15.04 14.94
C VAL A 206 -15.66 15.13 15.06
N GLU A 207 -16.26 16.03 14.30
CA GLU A 207 -17.71 16.20 14.24
C GLU A 207 -18.12 16.01 12.78
N ILE A 208 -18.98 15.03 12.51
CA ILE A 208 -19.48 14.72 11.16
C ILE A 208 -21.00 14.60 11.22
N ASP A 209 -21.70 15.46 10.49
CA ASP A 209 -23.18 15.52 10.40
C ASP A 209 -23.87 15.61 11.78
N GLY A 210 -23.39 16.53 12.60
CA GLY A 210 -23.93 16.78 13.94
C GLY A 210 -23.54 15.76 14.99
N LYS A 211 -22.73 14.74 14.61
CA LYS A 211 -22.31 13.69 15.54
C LYS A 211 -20.82 13.83 15.85
N THR A 212 -20.40 13.54 17.10
CA THR A 212 -18.99 13.67 17.49
C THR A 212 -18.40 12.28 17.76
N TYR A 213 -17.09 12.14 17.51
CA TYR A 213 -16.40 10.88 17.73
C TYR A 213 -14.98 11.14 18.14
N GLN A 214 -14.43 10.25 18.96
CA GLN A 214 -12.99 10.29 19.24
C GLN A 214 -12.41 9.30 18.20
N VAL A 215 -11.47 9.76 17.36
CA VAL A 215 -10.86 8.93 16.30
C VAL A 215 -10.22 7.68 16.89
N LYS A 216 -10.61 6.51 16.38
CA LYS A 216 -10.06 5.23 16.83
C LYS A 216 -9.14 4.64 15.76
N PRO A 217 -7.91 4.18 16.10
CA PRO A 217 -7.13 3.43 15.11
C PRO A 217 -7.81 2.06 14.88
N ILE A 218 -7.81 1.52 13.66
CA ILE A 218 -8.41 0.18 13.42
C ILE A 218 -7.40 -0.84 13.96
N ARG A 219 -7.73 -1.51 15.07
CA ARG A 219 -6.74 -2.36 15.77
C ARG A 219 -6.38 -3.69 15.07
N ASN A 220 -7.20 -4.18 14.12
CA ASN A 220 -6.85 -5.42 13.41
C ASN A 220 -6.35 -5.13 11.98
N LEU A 221 -5.94 -3.89 11.73
CA LEU A 221 -5.33 -3.43 10.48
C LEU A 221 -4.00 -2.90 10.91
N ASN A 222 -2.93 -3.21 10.16
CA ASN A 222 -1.59 -2.89 10.61
C ASN A 222 -0.60 -2.68 9.50
N GLY A 223 0.48 -1.99 9.83
CA GLY A 223 1.64 -1.82 8.96
C GLY A 223 2.41 -3.13 8.91
N HIS A 224 3.39 -3.25 8.02
CA HIS A 224 4.07 -4.53 7.83
C HIS A 224 5.38 -4.39 7.14
N SER A 225 6.23 -5.40 7.32
CA SER A 225 7.49 -5.50 6.58
C SER A 225 7.12 -5.98 5.17
N ILE A 226 7.97 -5.62 4.21
CA ILE A 226 7.84 -5.96 2.80
C ILE A 226 9.10 -6.73 2.39
N GLY A 227 8.92 -7.81 1.63
CA GLY A 227 10.02 -8.59 1.06
C GLY A 227 9.95 -8.54 -0.46
N GLN A 228 10.93 -9.15 -1.15
CA GLN A 228 10.93 -9.18 -2.61
C GLN A 228 9.76 -10.05 -3.08
N TYR A 229 8.84 -9.46 -3.90
CA TYR A 229 7.63 -10.09 -4.42
C TYR A 229 6.72 -10.54 -3.28
N ARG A 230 6.89 -9.92 -2.10
CA ARG A 230 6.15 -10.31 -0.91
C ARG A 230 5.65 -9.06 -0.18
N ILE A 231 4.39 -8.69 -0.44
CA ILE A 231 3.75 -7.50 0.16
C ILE A 231 3.83 -7.51 1.70
N HIS A 232 3.55 -8.66 2.35
CA HIS A 232 3.63 -8.80 3.81
C HIS A 232 4.66 -9.86 4.11
N ALA A 233 5.87 -9.45 4.53
CA ALA A 233 7.01 -10.35 4.79
C ALA A 233 7.02 -11.01 6.21
N GLY A 234 5.97 -10.82 7.01
CA GLY A 234 5.89 -11.50 8.30
C GLY A 234 5.94 -10.67 9.55
N LYS A 235 6.56 -9.48 9.51
CA LYS A 235 6.59 -8.61 10.69
C LYS A 235 5.40 -7.65 10.60
N THR A 236 4.72 -7.47 11.74
CA THR A 236 3.53 -6.64 11.88
C THR A 236 3.82 -5.40 12.72
N VAL A 237 3.42 -4.22 12.22
CA VAL A 237 3.55 -2.94 12.91
C VAL A 237 2.14 -2.64 13.41
N PRO A 238 1.80 -2.91 14.69
CA PRO A 238 0.43 -2.62 15.15
C PRO A 238 0.15 -1.11 15.14
N ILE A 239 -1.13 -0.72 15.16
CA ILE A 239 -1.45 0.71 15.22
C ILE A 239 -2.11 1.01 16.59
N VAL A 240 -1.85 0.09 17.56
CA VAL A 240 -2.28 0.14 18.96
C VAL A 240 -1.12 -0.28 19.90
N LYS A 241 -1.29 -0.09 21.22
CA LYS A 241 -0.33 -0.46 22.26
C LYS A 241 -0.11 -1.99 22.35
N ALA A 245 7.57 -7.23 21.26
CA ALA A 245 8.83 -7.94 21.46
C ALA A 245 9.76 -7.83 20.24
N THR A 246 9.18 -7.90 19.01
CA THR A 246 9.91 -7.85 17.75
C THR A 246 10.44 -6.44 17.43
N ARG A 247 11.67 -6.37 16.93
CA ARG A 247 12.30 -5.10 16.57
C ARG A 247 12.47 -4.98 15.07
N MET A 248 12.54 -3.73 14.59
CA MET A 248 12.85 -3.47 13.19
C MET A 248 14.37 -3.68 13.10
N GLU A 249 14.84 -4.27 12.01
CA GLU A 249 16.25 -4.57 11.77
C GLU A 249 16.78 -3.83 10.56
N GLU A 250 18.12 -3.59 10.52
CA GLU A 250 18.83 -2.92 9.44
C GLU A 250 18.56 -3.60 8.09
N GLY A 251 18.35 -2.80 7.04
CA GLY A 251 18.09 -3.33 5.70
C GLY A 251 16.65 -3.76 5.45
N GLU A 252 15.78 -3.68 6.48
CA GLU A 252 14.36 -4.04 6.32
C GLU A 252 13.60 -2.91 5.62
N VAL A 253 12.42 -3.25 5.08
CA VAL A 253 11.56 -2.31 4.35
C VAL A 253 10.19 -2.39 4.99
N TYR A 254 9.59 -1.24 5.31
CA TYR A 254 8.29 -1.27 5.94
C TYR A 254 7.24 -0.43 5.26
N ALA A 255 5.99 -0.91 5.30
CA ALA A 255 4.81 -0.16 4.93
C ALA A 255 4.29 0.34 6.27
N ILE A 256 4.36 1.66 6.50
CA ILE A 256 3.83 2.29 7.70
C ILE A 256 2.47 2.83 7.30
N GLU A 257 1.42 2.21 7.80
CA GLU A 257 0.07 2.66 7.47
C GLU A 257 -0.77 2.74 8.70
N THR A 258 -1.69 3.69 8.72
CA THR A 258 -2.63 3.81 9.83
C THR A 258 -4.00 4.01 9.25
N PHE A 259 -5.01 3.53 9.97
CA PHE A 259 -6.41 3.66 9.63
C PHE A 259 -7.13 4.21 10.88
N GLY A 260 -7.86 5.28 10.67
CA GLY A 260 -8.69 5.92 11.70
C GLY A 260 -10.14 5.67 11.35
N SER A 261 -10.98 5.47 12.39
CA SER A 261 -12.38 5.15 12.17
C SER A 261 -13.33 5.85 13.14
N THR A 262 -14.57 6.15 12.67
CA THR A 262 -15.64 6.69 13.52
C THR A 262 -16.51 5.53 14.05
N GLY A 263 -16.17 4.28 13.69
CA GLY A 263 -16.93 3.10 14.09
C GLY A 263 -16.40 2.42 15.33
N LYS A 264 -16.37 1.09 15.30
CA LYS A 264 -15.90 0.24 16.40
C LYS A 264 -14.38 0.19 16.45
N GLY A 265 -13.72 0.48 15.33
CA GLY A 265 -12.27 0.41 15.26
C GLY A 265 -11.77 -1.02 15.06
N VAL A 266 -12.65 -1.88 14.54
CA VAL A 266 -12.39 -3.28 14.19
C VAL A 266 -13.03 -3.50 12.80
N VAL A 267 -12.33 -4.19 11.91
CA VAL A 267 -12.90 -4.53 10.62
C VAL A 267 -13.34 -5.99 10.58
N HIS A 268 -14.32 -6.30 9.75
CA HIS A 268 -14.82 -7.66 9.49
C HIS A 268 -14.85 -7.87 7.97
N ASP A 269 -14.72 -9.13 7.49
CA ASP A 269 -14.79 -9.47 6.06
C ASP A 269 -16.20 -9.15 5.55
N ASP A 270 -16.31 -8.34 4.50
CA ASP A 270 -17.64 -8.04 3.97
C ASP A 270 -17.66 -7.94 2.47
N MET A 271 -18.87 -8.00 1.85
CA MET A 271 -19.12 -7.85 0.41
C MET A 271 -18.48 -8.97 -0.42
N GLU A 272 -18.45 -8.85 -1.74
CA GLU A 272 -17.81 -9.90 -2.49
C GLU A 272 -16.31 -9.68 -2.60
N CYS A 273 -15.57 -10.79 -2.68
CA CYS A 273 -14.13 -10.76 -2.82
C CYS A 273 -13.66 -10.33 -4.20
N SER A 274 -12.58 -9.54 -4.24
CA SER A 274 -11.98 -9.12 -5.51
C SER A 274 -10.48 -9.40 -5.54
N HIS A 275 -9.83 -9.36 -4.38
CA HIS A 275 -8.40 -9.49 -4.16
C HIS A 275 -8.01 -10.93 -3.82
N TYR A 276 -6.93 -11.41 -4.44
CA TYR A 276 -6.42 -12.78 -4.27
C TYR A 276 -4.93 -12.73 -4.41
N MET A 277 -4.23 -13.69 -3.76
CA MET A 277 -2.80 -13.78 -3.82
C MET A 277 -2.35 -15.19 -3.45
N LYS A 278 -1.41 -15.73 -4.25
CA LYS A 278 -0.83 -17.04 -4.01
CA LYS A 278 -0.83 -17.04 -4.03
C LYS A 278 -0.18 -17.06 -2.64
N ASN A 279 -0.34 -18.17 -1.89
CA ASN A 279 0.31 -18.30 -0.59
C ASN A 279 1.81 -18.36 -0.92
N PHE A 280 2.61 -17.43 -0.39
CA PHE A 280 4.05 -17.33 -0.67
C PHE A 280 4.82 -18.61 -0.35
N ASP A 281 4.41 -19.32 0.71
CA ASP A 281 5.10 -20.53 1.18
C ASP A 281 4.72 -21.82 0.48
N VAL A 282 3.62 -21.83 -0.31
CA VAL A 282 3.20 -23.04 -1.03
C VAL A 282 4.12 -23.27 -2.24
N GLY A 283 4.71 -24.47 -2.30
CA GLY A 283 5.59 -24.88 -3.39
C GLY A 283 4.80 -25.29 -4.61
N HIS A 284 5.42 -26.06 -5.52
CA HIS A 284 4.72 -26.52 -6.72
C HIS A 284 3.68 -27.57 -6.33
N VAL A 285 2.43 -27.40 -6.82
CA VAL A 285 1.35 -28.34 -6.59
C VAL A 285 0.87 -28.89 -7.94
N PRO A 286 0.96 -30.23 -8.18
CA PRO A 286 0.48 -30.76 -9.47
C PRO A 286 -1.05 -30.81 -9.48
N ILE A 287 -1.64 -30.21 -10.51
CA ILE A 287 -3.10 -30.14 -10.69
C ILE A 287 -3.45 -30.75 -12.04
N ARG A 288 -4.48 -31.62 -12.06
CA ARG A 288 -4.96 -32.23 -13.29
C ARG A 288 -6.26 -31.58 -13.77
N LEU A 289 -7.18 -31.17 -12.83
CA LEU A 289 -8.44 -30.48 -13.18
C LEU A 289 -8.14 -29.40 -14.23
N PRO A 290 -8.64 -29.53 -15.49
CA PRO A 290 -8.15 -28.66 -16.58
C PRO A 290 -8.31 -27.15 -16.40
N ARG A 291 -9.50 -26.66 -15.94
CA ARG A 291 -9.74 -25.23 -15.76
C ARG A 291 -8.93 -24.67 -14.59
N THR A 292 -8.79 -25.46 -13.51
CA THR A 292 -8.02 -25.11 -12.31
C THR A 292 -6.52 -25.07 -12.66
N LYS A 293 -6.03 -26.05 -13.44
CA LYS A 293 -4.62 -26.12 -13.87
C LYS A 293 -4.30 -24.88 -14.73
N HIS A 294 -5.18 -24.60 -15.73
CA HIS A 294 -4.98 -23.44 -16.62
C HIS A 294 -4.95 -22.13 -15.80
N LEU A 295 -5.87 -21.97 -14.85
CA LEU A 295 -5.90 -20.74 -14.04
C LEU A 295 -4.66 -20.58 -13.18
N LEU A 296 -4.18 -21.67 -12.55
CA LEU A 296 -2.96 -21.56 -11.74
C LEU A 296 -1.76 -21.18 -12.64
N ASN A 297 -1.71 -21.70 -13.89
CA ASN A 297 -0.64 -21.37 -14.84
C ASN A 297 -0.70 -19.89 -15.24
N VAL A 298 -1.91 -19.36 -15.48
CA VAL A 298 -2.13 -17.94 -15.76
C VAL A 298 -1.61 -17.08 -14.55
N ILE A 299 -1.92 -17.49 -13.32
CA ILE A 299 -1.49 -16.81 -12.08
C ILE A 299 0.04 -16.84 -11.94
N ASN A 300 0.65 -18.03 -12.06
CA ASN A 300 2.12 -18.18 -11.98
C ASN A 300 2.84 -17.36 -13.03
N GLU A 301 2.30 -17.33 -14.27
CA GLU A 301 2.96 -16.59 -15.36
C GLU A 301 2.84 -15.09 -15.20
N ASN A 302 1.65 -14.60 -14.82
CA ASN A 302 1.37 -13.18 -14.78
C ASN A 302 1.58 -12.48 -13.46
N PHE A 303 1.37 -13.17 -12.33
CA PHE A 303 1.45 -12.55 -11.00
C PHE A 303 2.50 -13.17 -10.08
N GLY A 304 2.77 -14.46 -10.21
CA GLY A 304 3.67 -15.14 -9.26
C GLY A 304 3.11 -15.02 -7.85
N THR A 305 3.88 -14.44 -6.93
CA THR A 305 3.45 -14.24 -5.53
C THR A 305 2.83 -12.86 -5.29
N LEU A 306 2.74 -12.04 -6.34
CA LEU A 306 2.10 -10.71 -6.23
C LEU A 306 0.58 -10.87 -6.25
N ALA A 307 -0.13 -9.93 -5.60
CA ALA A 307 -1.58 -9.91 -5.54
C ALA A 307 -2.21 -9.54 -6.89
N PHE A 308 -3.42 -10.04 -7.12
CA PHE A 308 -4.18 -9.78 -8.33
C PHE A 308 -5.63 -9.64 -7.99
N CYS A 309 -6.45 -9.27 -8.98
CA CYS A 309 -7.89 -9.14 -8.82
C CYS A 309 -8.58 -9.80 -10.01
N ARG A 310 -9.88 -10.02 -9.88
CA ARG A 310 -10.69 -10.63 -10.94
C ARG A 310 -10.65 -9.81 -12.23
N ARG A 311 -10.65 -8.46 -12.14
CA ARG A 311 -10.58 -7.61 -13.35
C ARG A 311 -9.31 -7.89 -14.15
N TRP A 312 -8.22 -8.25 -13.45
CA TRP A 312 -6.95 -8.55 -14.11
C TRP A 312 -6.93 -9.91 -14.80
N LEU A 313 -7.83 -10.81 -14.40
CA LEU A 313 -8.00 -12.11 -15.08
C LEU A 313 -8.85 -11.85 -16.36
N ASP A 314 -9.91 -11.02 -16.23
CA ASP A 314 -10.78 -10.63 -17.35
C ASP A 314 -9.99 -9.98 -18.50
N ARG A 315 -9.08 -9.06 -18.17
CA ARG A 315 -8.30 -8.35 -19.19
C ARG A 315 -7.31 -9.27 -19.93
N LEU A 316 -6.95 -10.43 -19.32
CA LEU A 316 -6.07 -11.44 -19.92
C LEU A 316 -6.88 -12.40 -20.83
N GLY A 317 -8.16 -12.10 -20.99
CA GLY A 317 -9.08 -12.88 -21.82
C GLY A 317 -9.61 -14.13 -21.14
N GLU A 318 -9.46 -14.23 -19.81
CA GLU A 318 -9.93 -15.39 -19.08
C GLU A 318 -11.41 -15.28 -18.76
N SER A 319 -12.14 -16.41 -18.91
CA SER A 319 -13.55 -16.51 -18.57
C SER A 319 -13.80 -17.87 -17.90
N LYS A 320 -14.95 -18.02 -17.23
CA LYS A 320 -15.39 -19.25 -16.53
C LYS A 320 -14.29 -19.75 -15.60
N TYR A 321 -13.80 -18.83 -14.75
CA TYR A 321 -12.68 -19.15 -13.84
C TYR A 321 -13.10 -19.12 -12.38
N LEU A 322 -14.33 -18.70 -12.06
CA LEU A 322 -14.73 -18.57 -10.65
C LEU A 322 -14.64 -19.88 -9.87
N MET A 323 -15.09 -21.01 -10.45
CA MET A 323 -14.97 -22.31 -9.76
C MET A 323 -13.50 -22.73 -9.66
N ALA A 324 -12.74 -22.48 -10.75
CA ALA A 324 -11.29 -22.75 -10.77
C ALA A 324 -10.60 -21.95 -9.65
N LEU A 325 -10.97 -20.67 -9.49
CA LEU A 325 -10.42 -19.78 -8.46
C LEU A 325 -10.82 -20.25 -7.06
N LYS A 326 -12.10 -20.65 -6.91
CA LYS A 326 -12.55 -21.20 -5.63
C LYS A 326 -11.76 -22.48 -5.28
N ASN A 327 -11.47 -23.36 -6.28
CA ASN A 327 -10.67 -24.59 -6.05
C ASN A 327 -9.27 -24.24 -5.52
N LEU A 328 -8.59 -23.26 -6.15
CA LEU A 328 -7.27 -22.82 -5.71
C LEU A 328 -7.31 -22.25 -4.29
N CYS A 329 -8.39 -21.52 -3.94
CA CYS A 329 -8.56 -21.00 -2.57
C CYS A 329 -8.80 -22.18 -1.58
N ASP A 330 -9.68 -23.14 -1.94
CA ASP A 330 -9.96 -24.33 -1.09
C ASP A 330 -8.75 -25.22 -0.87
N LEU A 331 -7.85 -25.27 -1.87
CA LEU A 331 -6.62 -26.04 -1.76
C LEU A 331 -5.54 -25.32 -0.97
N GLY A 332 -5.75 -24.03 -0.66
CA GLY A 332 -4.79 -23.23 0.09
C GLY A 332 -3.61 -22.73 -0.74
N ILE A 333 -3.69 -22.88 -2.08
CA ILE A 333 -2.65 -22.42 -3.02
C ILE A 333 -2.75 -20.89 -3.18
N VAL A 334 -3.99 -20.40 -3.26
CA VAL A 334 -4.33 -18.97 -3.38
C VAL A 334 -5.14 -18.62 -2.12
N ASP A 335 -4.98 -17.39 -1.62
CA ASP A 335 -5.76 -16.94 -0.47
C ASP A 335 -6.67 -15.81 -0.92
N PRO A 336 -7.97 -15.82 -0.56
CA PRO A 336 -8.81 -14.64 -0.90
C PRO A 336 -8.56 -13.53 0.14
N TYR A 337 -8.66 -12.24 -0.27
CA TYR A 337 -8.50 -11.09 0.65
C TYR A 337 -9.74 -10.23 0.51
N PRO A 338 -10.88 -10.61 1.15
CA PRO A 338 -12.11 -9.84 0.96
C PRO A 338 -12.07 -8.42 1.54
N PRO A 339 -12.99 -7.51 1.10
CA PRO A 339 -13.00 -6.15 1.67
C PRO A 339 -13.09 -6.18 3.19
N LEU A 340 -12.38 -5.28 3.85
CA LEU A 340 -12.34 -5.22 5.31
C LEU A 340 -13.09 -3.95 5.72
N CYS A 341 -14.25 -4.13 6.37
CA CYS A 341 -15.12 -3.02 6.70
C CYS A 341 -15.46 -2.93 8.19
N ASP A 342 -15.56 -1.69 8.68
CA ASP A 342 -16.03 -1.40 10.04
C ASP A 342 -17.58 -1.39 9.93
N ILE A 343 -18.28 -1.09 11.03
CA ILE A 343 -19.76 -1.10 11.12
C ILE A 343 -20.41 -0.18 10.08
N LYS A 344 -21.63 -0.52 9.61
CA LYS A 344 -22.39 0.28 8.65
C LYS A 344 -22.54 1.69 9.22
N GLY A 345 -22.43 2.69 8.36
CA GLY A 345 -22.52 4.09 8.73
C GLY A 345 -21.25 4.71 9.30
N SER A 346 -20.20 3.92 9.54
CA SER A 346 -18.94 4.47 10.06
C SER A 346 -18.08 5.02 8.90
N TYR A 347 -17.05 5.82 9.22
CA TYR A 347 -16.17 6.43 8.22
C TYR A 347 -14.75 6.07 8.52
N THR A 348 -14.00 5.62 7.51
CA THR A 348 -12.59 5.23 7.66
C THR A 348 -11.69 6.02 6.71
N ALA A 349 -10.47 6.30 7.17
CA ALA A 349 -9.43 7.05 6.42
C ALA A 349 -8.11 6.30 6.56
N GLN A 350 -7.23 6.44 5.56
CA GLN A 350 -5.92 5.78 5.56
C GLN A 350 -4.87 6.65 4.88
N PHE A 351 -3.64 6.62 5.41
CA PHE A 351 -2.43 7.16 4.82
C PHE A 351 -1.35 6.10 5.01
N GLU A 352 -0.53 5.88 3.98
CA GLU A 352 0.50 4.84 4.02
C GLU A 352 1.71 5.24 3.20
N HIS A 353 2.92 4.96 3.72
CA HIS A 353 4.19 5.14 3.05
C HIS A 353 5.07 3.90 3.17
N THR A 354 5.98 3.74 2.21
CA THR A 354 6.98 2.68 2.21
C THR A 354 8.25 3.36 2.67
N ILE A 355 8.94 2.74 3.65
CA ILE A 355 10.17 3.28 4.21
C ILE A 355 11.29 2.25 4.11
N LEU A 356 12.50 2.72 3.80
CA LEU A 356 13.68 1.85 3.69
C LEU A 356 14.57 2.09 4.89
N LEU A 357 14.82 1.04 5.67
CA LEU A 357 15.70 1.14 6.82
C LEU A 357 17.15 0.91 6.33
N ARG A 358 17.69 1.92 5.61
CA ARG A 358 19.04 1.84 5.06
C ARG A 358 20.11 1.85 6.18
N PRO A 359 21.34 1.34 5.96
CA PRO A 359 22.33 1.36 7.05
C PRO A 359 22.69 2.77 7.56
N THR A 360 22.66 3.79 6.68
CA THR A 360 23.03 5.16 7.05
C THR A 360 21.87 6.05 7.54
N CYS A 361 20.63 5.82 7.05
CA CYS A 361 19.46 6.65 7.38
C CYS A 361 18.12 5.90 7.12
N LYS A 362 17.01 6.57 7.44
CA LYS A 362 15.67 6.08 7.21
C LYS A 362 15.18 6.82 5.97
N GLU A 363 14.75 6.10 4.93
CA GLU A 363 14.29 6.81 3.73
C GLU A 363 12.81 6.56 3.50
N VAL A 364 12.02 7.63 3.49
CA VAL A 364 10.56 7.60 3.23
C VAL A 364 10.54 7.73 1.70
N VAL A 365 10.80 6.60 1.05
CA VAL A 365 11.03 6.52 -0.40
C VAL A 365 9.80 6.98 -1.22
N SER A 366 8.57 6.72 -0.72
CA SER A 366 7.33 7.12 -1.42
C SER A 366 6.83 8.53 -1.06
N ARG A 367 7.57 9.27 -0.18
CA ARG A 367 7.18 10.65 0.20
C ARG A 367 7.09 11.52 -1.05
N GLY A 368 6.12 12.43 -1.06
CA GLY A 368 5.96 13.41 -2.15
C GLY A 368 5.69 14.78 -1.58
N ASP A 369 5.38 15.76 -2.45
CA ASP A 369 5.03 17.12 -2.01
C ASP A 369 3.54 17.19 -1.63
N ASP A 370 2.83 16.08 -1.83
CA ASP A 370 1.41 15.92 -1.54
C ASP A 370 1.21 15.38 -0.12
N TYR A 371 1.86 14.26 0.23
CA TYR A 371 1.78 13.65 1.56
C TYR A 371 3.01 12.78 1.79
#